data_5NZM
#
_entry.id   5NZM
#
_cell.length_a   95.110
_cell.length_b   95.110
_cell.length_c   72.670
_cell.angle_alpha   90.00
_cell.angle_beta   90.00
_cell.angle_gamma   90.00
#
_symmetry.space_group_name_H-M   'P 43'
#
loop_
_entity.id
_entity.type
_entity.pdbx_description
1 polymer 'UDP-glucose pyrophosphorylase'
2 non-polymer Murrayamine-I
3 water water
#
_entity_poly.entity_id   1
_entity_poly.type   'polypeptide(L)'
_entity_poly.pdbx_seq_one_letter_code
;MENDMKSLSAAAQACVKKMRDAKVNEACIRTFIAQHVMVSKGETGSIPDSAIMPVDSLDALDSLTIECDNAVLQSTVVLK
LNGGLGTGMGLCDAKTLLEVKDGKTFLDFTALQVQYLRQHCSEHLRFMLMDSFNTSASTKSFLKARYPWLYQVFDSEVEL
MQNQVPKILQDTLEPAAWAENPAYEWAPPGHGDIYTALYGSGKLQELVEQGYRYMFVSNGDNLGATIDKRVLAYMEKEKI
DFLMEVCRRTESDKKGGHLARQTVYVKGKDGQPDAEKRVLLLRESAQCPKADMESFQDINKYSFFNTNNLWIRLPVLLET
MQEHGGTLPLPVIRNEKTVDSSNSASPKVYQLETAMGAAIAMFESASAIVVPRSRFAPVKTCADLLALRSDAYVVTDDFR
LVLDDRCHGHPPVVDLDSAHYKMMNGFEKLVQHGVPSLVECKRVTVKGLVQFGAGNVLTGTVTIENTDSASAFVIPDGAK
LNDTTASPQQSTNKMRPLEHHHHHH
;
_entity_poly.pdbx_strand_id   A
#
loop_
_chem_comp.id
_chem_comp.type
_chem_comp.name
_chem_comp.formula
9ET non-polymer Murrayamine-I 'C20 H19 N O4'
#
# COMPACT_ATOMS: atom_id res chain seq x y z
N LYS A 6 34.40 15.72 -0.36
CA LYS A 6 33.44 14.78 -0.94
C LYS A 6 33.99 14.12 -2.20
N SER A 7 33.47 12.94 -2.49
CA SER A 7 33.73 12.26 -3.76
C SER A 7 32.55 12.37 -4.71
N LEU A 8 31.71 13.37 -4.52
CA LEU A 8 30.47 13.51 -5.27
C LEU A 8 30.62 14.47 -6.44
N SER A 9 29.79 14.27 -7.45
CA SER A 9 29.78 15.17 -8.58
C SER A 9 29.14 16.50 -8.17
N ALA A 10 29.35 17.51 -9.02
CA ALA A 10 28.77 18.82 -8.74
C ALA A 10 27.26 18.76 -8.68
N ALA A 11 26.64 17.95 -9.55
CA ALA A 11 25.19 17.79 -9.52
C ALA A 11 24.73 17.15 -8.20
N ALA A 12 25.43 16.09 -7.76
CA ALA A 12 25.11 15.49 -6.47
C ALA A 12 25.37 16.46 -5.35
N GLN A 13 26.47 17.21 -5.42
CA GLN A 13 26.80 18.22 -4.43
C GLN A 13 25.68 19.26 -4.30
N ALA A 14 25.16 19.72 -5.44
CA ALA A 14 24.04 20.64 -5.43
C ALA A 14 22.81 20.01 -4.79
N CYS A 15 22.63 18.70 -4.99
CA CYS A 15 21.49 18.01 -4.41
C CYS A 15 21.59 17.99 -2.88
N VAL A 16 22.75 17.64 -2.34
CA VAL A 16 22.88 17.59 -0.88
C VAL A 16 22.82 18.99 -0.30
N LYS A 17 23.37 19.98 -1.01
CA LYS A 17 23.32 21.35 -0.51
C LYS A 17 21.90 21.84 -0.39
N LYS A 18 21.08 21.60 -1.42
CA LYS A 18 19.68 21.99 -1.36
C LYS A 18 18.95 21.27 -0.24
N MET A 19 19.30 20.00 0.01
CA MET A 19 18.60 19.22 1.02
C MET A 19 19.05 19.59 2.42
N ARG A 20 20.34 19.89 2.60
CA ARG A 20 20.83 20.31 3.91
C ARG A 20 20.27 21.68 4.29
N ASP A 21 20.11 22.57 3.32
CA ASP A 21 19.51 23.87 3.59
C ASP A 21 18.08 23.73 4.10
N ALA A 22 17.30 22.86 3.47
CA ALA A 22 15.89 22.66 3.84
C ALA A 22 15.72 21.80 5.08
N LYS A 23 16.82 21.50 5.79
CA LYS A 23 16.81 20.76 7.05
C LYS A 23 16.35 19.31 6.90
N VAL A 24 16.50 18.73 5.71
CA VAL A 24 16.22 17.32 5.53
C VAL A 24 17.24 16.51 6.32
N ASN A 25 16.78 15.42 6.96
CA ASN A 25 17.65 14.65 7.84
C ASN A 25 18.69 13.88 7.03
N GLU A 26 19.81 13.58 7.69
CA GLU A 26 20.97 13.00 7.01
C GLU A 26 20.72 11.57 6.52
N ALA A 27 19.76 10.85 7.09
CA ALA A 27 19.48 9.50 6.61
C ALA A 27 18.80 9.54 5.25
N CYS A 28 17.88 10.48 5.04
CA CYS A 28 17.26 10.64 3.73
C CYS A 28 18.29 11.11 2.70
N ILE A 29 19.22 11.96 3.12
CA ILE A 29 20.26 12.45 2.22
C ILE A 29 21.20 11.31 1.82
N ARG A 30 21.65 10.53 2.81
CA ARG A 30 22.46 9.36 2.52
C ARG A 30 21.79 8.44 1.50
N THR A 31 20.50 8.16 1.72
CA THR A 31 19.80 7.20 0.87
C THR A 31 19.58 7.75 -0.53
N PHE A 32 19.18 9.02 -0.64
CA PHE A 32 18.93 9.59 -1.96
C PHE A 32 20.21 9.70 -2.78
N ILE A 33 21.32 10.10 -2.15
CA ILE A 33 22.55 10.32 -2.90
C ILE A 33 23.09 9.00 -3.43
N ALA A 34 22.96 7.92 -2.66
CA ALA A 34 23.37 6.61 -3.15
C ALA A 34 22.58 6.22 -4.40
N GLN A 35 21.27 6.50 -4.41
CA GLN A 35 20.50 6.31 -5.63
C GLN A 35 20.97 7.25 -6.73
N HIS A 36 21.32 8.49 -6.36
CA HIS A 36 21.83 9.44 -7.34
C HIS A 36 23.13 8.94 -7.96
N VAL A 37 24.06 8.47 -7.11
CA VAL A 37 25.32 7.93 -7.62
C VAL A 37 25.06 6.74 -8.54
N MET A 38 24.14 5.86 -8.13
CA MET A 38 23.81 4.69 -8.92
C MET A 38 23.30 5.08 -10.31
N VAL A 39 22.39 6.06 -10.35
CA VAL A 39 21.83 6.51 -11.62
C VAL A 39 22.89 7.19 -12.48
N SER A 40 23.86 7.85 -11.85
CA SER A 40 24.96 8.46 -12.60
C SER A 40 25.99 7.45 -13.09
N LYS A 41 25.84 6.18 -12.73
CA LYS A 41 26.70 5.12 -13.23
C LYS A 41 26.01 4.23 -14.24
N GLY A 42 24.80 4.60 -14.67
CA GLY A 42 24.12 3.92 -15.75
C GLY A 42 22.89 3.12 -15.35
N GLU A 43 22.58 3.02 -14.07
CA GLU A 43 21.44 2.21 -13.65
C GLU A 43 20.13 2.83 -14.12
N THR A 44 19.32 2.02 -14.79
CA THR A 44 18.05 2.49 -15.35
C THR A 44 16.85 2.06 -14.53
N GLY A 45 16.95 1.00 -13.73
CA GLY A 45 15.82 0.43 -13.03
C GLY A 45 15.17 -0.73 -13.74
N SER A 46 15.53 -1.00 -14.99
CA SER A 46 14.86 -2.02 -15.79
C SER A 46 15.24 -3.42 -15.32
N ILE A 47 14.26 -4.31 -15.34
CA ILE A 47 14.45 -5.72 -15.02
C ILE A 47 13.91 -6.54 -16.18
N PRO A 48 14.77 -7.02 -17.07
CA PRO A 48 14.30 -7.85 -18.19
C PRO A 48 13.87 -9.22 -17.72
N ASP A 49 13.19 -9.94 -18.62
CA ASP A 49 12.75 -11.30 -18.32
C ASP A 49 13.94 -12.25 -18.16
N SER A 50 15.03 -12.00 -18.88
CA SER A 50 16.19 -12.87 -18.77
C SER A 50 16.81 -12.83 -17.38
N ALA A 51 16.60 -11.75 -16.63
CA ALA A 51 17.23 -11.58 -15.34
C ALA A 51 16.49 -12.28 -14.20
N ILE A 52 15.31 -12.83 -14.46
CA ILE A 52 14.49 -13.42 -13.40
C ILE A 52 13.89 -14.74 -13.87
N MET A 53 13.41 -15.52 -12.91
CA MET A 53 12.66 -16.74 -13.13
C MET A 53 11.31 -16.65 -12.41
N PRO A 54 10.32 -17.38 -12.88
CA PRO A 54 9.07 -17.50 -12.11
C PRO A 54 9.34 -18.20 -10.77
N VAL A 55 8.42 -17.94 -9.82
CA VAL A 55 8.41 -18.62 -8.54
C VAL A 55 7.19 -19.52 -8.52
N ASP A 56 7.40 -20.82 -8.30
CA ASP A 56 6.35 -21.81 -8.50
C ASP A 56 5.75 -22.35 -7.21
N SER A 57 6.54 -22.50 -6.14
CA SER A 57 6.10 -23.17 -4.93
C SER A 57 6.21 -22.23 -3.74
N LEU A 58 5.10 -22.04 -3.01
CA LEU A 58 5.07 -21.22 -1.81
C LEU A 58 4.14 -21.86 -0.79
N ASP A 59 4.43 -21.62 0.50
CA ASP A 59 3.51 -21.98 1.56
C ASP A 59 2.29 -21.06 1.54
N ALA A 60 1.19 -21.56 2.11
CA ALA A 60 -0.08 -20.83 2.10
C ALA A 60 -0.57 -20.62 3.53
N LEU A 61 -1.29 -19.51 3.73
CA LEU A 61 -1.82 -19.19 5.06
C LEU A 61 -2.96 -20.11 5.45
N ASP A 62 -3.72 -20.61 4.47
CA ASP A 62 -4.83 -21.51 4.75
C ASP A 62 -4.36 -22.93 5.09
N SER A 63 -3.06 -23.19 5.03
CA SER A 63 -2.50 -24.44 5.53
C SER A 63 -2.05 -24.34 6.98
N LEU A 64 -2.19 -23.18 7.61
CA LEU A 64 -1.72 -22.93 8.95
C LEU A 64 -2.88 -22.94 9.93
N THR A 65 -2.56 -23.33 11.18
CA THR A 65 -3.56 -23.42 12.24
C THR A 65 -3.10 -22.91 13.58
N ILE A 66 -1.82 -22.90 13.89
CA ILE A 66 -1.34 -22.55 15.22
C ILE A 66 -1.19 -21.04 15.34
N GLU A 67 -1.78 -20.47 16.38
CA GLU A 67 -1.64 -19.06 16.69
C GLU A 67 -0.51 -18.88 17.69
N CYS A 68 -0.06 -17.63 17.83
CA CYS A 68 1.07 -17.34 18.72
C CYS A 68 0.57 -17.07 20.14
N ASP A 69 1.51 -16.89 21.06
CA ASP A 69 1.17 -16.43 22.39
C ASP A 69 0.80 -14.94 22.34
N ASN A 70 0.14 -14.48 23.40
CA ASN A 70 -0.09 -13.05 23.55
C ASN A 70 1.16 -12.31 23.96
N ALA A 71 2.24 -13.03 24.29
CA ALA A 71 3.52 -12.37 24.58
C ALA A 71 4.14 -11.81 23.32
N VAL A 72 3.94 -12.47 22.18
CA VAL A 72 4.48 -11.97 20.92
C VAL A 72 3.82 -10.65 20.54
N LEU A 73 2.51 -10.54 20.77
CA LEU A 73 1.79 -9.31 20.45
C LEU A 73 2.23 -8.14 21.33
N GLN A 74 2.75 -8.42 22.52
CA GLN A 74 3.30 -7.34 23.36
C GLN A 74 4.56 -6.74 22.75
N SER A 75 5.17 -7.41 21.77
CA SER A 75 6.37 -6.92 21.11
C SER A 75 6.13 -6.70 19.61
N THR A 76 4.91 -6.31 19.25
CA THR A 76 4.52 -6.14 17.85
C THR A 76 4.05 -4.71 17.62
N VAL A 77 4.45 -4.13 16.51
CA VAL A 77 4.03 -2.79 16.10
C VAL A 77 3.17 -2.91 14.85
N VAL A 78 2.10 -2.14 14.80
CA VAL A 78 1.26 -2.03 13.61
C VAL A 78 1.54 -0.67 12.96
N LEU A 79 2.03 -0.71 11.72
CA LEU A 79 2.32 0.50 10.94
C LEU A 79 1.37 0.53 9.75
N LYS A 80 0.64 1.63 9.61
CA LYS A 80 -0.26 1.86 8.49
C LYS A 80 0.30 2.97 7.61
N LEU A 81 0.37 2.71 6.31
CA LEU A 81 0.71 3.77 5.35
C LEU A 81 -0.47 4.72 5.22
N ASN A 82 -0.20 6.02 5.39
CA ASN A 82 -1.24 7.02 5.47
C ASN A 82 -0.85 8.26 4.67
N GLY A 83 -0.22 8.06 3.52
CA GLY A 83 0.20 9.19 2.71
C GLY A 83 -0.71 9.44 1.53
N GLY A 84 -1.63 8.51 1.28
CA GLY A 84 -2.42 8.55 0.07
C GLY A 84 -3.55 9.55 0.14
N LEU A 85 -3.63 10.43 -0.85
CA LEU A 85 -4.83 11.20 -1.12
C LEU A 85 -5.67 10.44 -2.13
N GLY A 86 -7.00 10.62 -2.06
CA GLY A 86 -7.89 9.94 -2.96
C GLY A 86 -8.07 10.65 -4.28
N THR A 87 -6.97 11.07 -4.91
CA THR A 87 -7.06 11.86 -6.13
C THR A 87 -7.73 11.09 -7.25
N GLY A 88 -7.54 9.76 -7.31
CA GLY A 88 -8.20 8.96 -8.32
C GLY A 88 -9.71 9.04 -8.24
N MET A 89 -10.24 9.19 -7.02
CA MET A 89 -11.66 9.42 -6.81
C MET A 89 -12.00 10.90 -6.66
N GLY A 90 -11.06 11.79 -6.98
CA GLY A 90 -11.30 13.22 -6.92
C GLY A 90 -11.22 13.82 -5.54
N LEU A 91 -10.50 13.19 -4.62
CA LEU A 91 -10.40 13.66 -3.24
C LEU A 91 -9.16 14.51 -3.03
N CYS A 92 -9.24 15.37 -2.01
CA CYS A 92 -8.16 16.26 -1.64
C CYS A 92 -7.47 15.86 -0.34
N ASP A 93 -8.10 15.01 0.47
CA ASP A 93 -7.67 14.73 1.83
C ASP A 93 -7.20 13.28 1.95
N ALA A 94 -6.75 12.95 3.16
CA ALA A 94 -6.26 11.61 3.46
C ALA A 94 -7.33 10.56 3.16
N LYS A 95 -6.97 9.60 2.30
CA LYS A 95 -7.88 8.52 1.93
C LYS A 95 -8.42 7.79 3.15
N THR A 96 -7.61 7.65 4.20
CA THR A 96 -8.03 6.91 5.39
C THR A 96 -9.16 7.58 6.14
N LEU A 97 -9.40 8.87 5.89
CA LEU A 97 -10.48 9.60 6.56
C LEU A 97 -11.78 9.58 5.76
N LEU A 98 -11.91 8.64 4.82
CA LEU A 98 -13.12 8.47 4.06
C LEU A 98 -14.08 7.58 4.83
N GLU A 99 -15.32 8.03 5.00
CA GLU A 99 -16.34 7.20 5.62
C GLU A 99 -16.54 5.94 4.78
N VAL A 100 -16.39 4.78 5.41
CA VAL A 100 -16.39 3.53 4.64
C VAL A 100 -17.56 2.64 5.07
N LYS A 101 -17.99 2.75 6.33
CA LYS A 101 -19.15 2.00 6.80
C LYS A 101 -19.63 2.48 8.17
N ASP A 102 -20.94 2.74 8.27
CA ASP A 102 -21.60 3.03 9.55
C ASP A 102 -20.98 4.25 10.24
N GLY A 103 -20.65 5.27 9.46
CA GLY A 103 -20.11 6.49 10.02
C GLY A 103 -18.69 6.38 10.52
N LYS A 104 -17.95 5.36 10.09
CA LYS A 104 -16.59 5.13 10.55
C LYS A 104 -15.65 5.07 9.36
N THR A 105 -14.43 5.58 9.56
CA THR A 105 -13.43 5.66 8.51
C THR A 105 -12.53 4.43 8.53
N PHE A 106 -11.63 4.36 7.53
CA PHE A 106 -10.54 3.39 7.58
C PHE A 106 -9.79 3.50 8.90
N LEU A 107 -9.37 4.73 9.23
CA LEU A 107 -8.60 4.95 10.46
C LEU A 107 -9.38 4.52 11.69
N ASP A 108 -10.69 4.75 11.70
CA ASP A 108 -11.53 4.30 12.81
C ASP A 108 -11.37 2.81 13.05
N PHE A 109 -11.39 2.02 11.98
CA PHE A 109 -11.44 0.57 12.14
C PHE A 109 -10.11 0.02 12.64
N THR A 110 -8.99 0.46 12.08
CA THR A 110 -7.70 -0.02 12.56
C THR A 110 -7.47 0.42 14.00
N ALA A 111 -7.86 1.65 14.35
CA ALA A 111 -7.71 2.12 15.71
C ALA A 111 -8.59 1.32 16.67
N LEU A 112 -9.81 0.99 16.25
CA LEU A 112 -10.67 0.16 17.09
C LEU A 112 -10.15 -1.27 17.17
N GLN A 113 -9.55 -1.77 16.09
CA GLN A 113 -8.93 -3.08 16.13
C GLN A 113 -7.75 -3.10 17.12
N VAL A 114 -6.95 -2.04 17.12
CA VAL A 114 -5.82 -1.96 18.04
C VAL A 114 -6.31 -1.78 19.47
N GLN A 115 -7.31 -0.91 19.66
CA GLN A 115 -7.90 -0.73 20.99
C GLN A 115 -8.41 -2.05 21.55
N TYR A 116 -9.05 -2.86 20.71
CA TYR A 116 -9.54 -4.16 21.14
C TYR A 116 -8.40 -5.08 21.57
N LEU A 117 -7.34 -5.17 20.75
CA LEU A 117 -6.23 -6.05 21.06
C LEU A 117 -5.51 -5.62 22.33
N ARG A 118 -5.50 -4.32 22.63
CA ARG A 118 -4.87 -3.87 23.86
C ARG A 118 -5.64 -4.33 25.08
N GLN A 119 -6.96 -4.11 25.11
CA GLN A 119 -7.75 -4.48 26.28
C GLN A 119 -7.79 -5.98 26.48
N HIS A 120 -7.89 -6.74 25.40
CA HIS A 120 -8.11 -8.18 25.46
C HIS A 120 -6.87 -9.04 25.35
N CYS A 121 -5.82 -8.58 24.67
CA CYS A 121 -4.68 -9.45 24.41
C CYS A 121 -3.36 -8.86 24.87
N SER A 122 -3.05 -7.62 24.51
CA SER A 122 -1.69 -7.13 24.74
C SER A 122 -1.73 -5.61 24.87
N GLU A 123 -1.42 -5.11 26.07
CA GLU A 123 -1.50 -3.67 26.32
C GLU A 123 -0.38 -2.89 25.67
N HIS A 124 0.71 -3.55 25.28
CA HIS A 124 1.87 -2.86 24.74
C HIS A 124 1.95 -2.97 23.22
N LEU A 125 0.92 -3.51 22.57
CA LEU A 125 0.85 -3.45 21.12
C LEU A 125 0.87 -2.00 20.66
N ARG A 126 1.81 -1.67 19.79
CA ARG A 126 2.05 -0.30 19.37
C ARG A 126 1.40 -0.03 18.02
N PHE A 127 0.89 1.18 17.85
CA PHE A 127 0.21 1.60 16.63
C PHE A 127 0.89 2.85 16.10
N MET A 128 1.32 2.80 14.84
CA MET A 128 2.03 3.91 14.21
C MET A 128 1.41 4.23 12.85
N LEU A 129 1.59 5.47 12.42
CA LEU A 129 1.08 5.95 11.14
C LEU A 129 2.21 6.64 10.37
N MET A 130 2.30 6.33 9.08
CA MET A 130 3.24 7.00 8.18
C MET A 130 2.47 8.05 7.39
N ASP A 131 2.69 9.32 7.74
CA ASP A 131 1.98 10.43 7.13
C ASP A 131 2.90 11.22 6.19
N SER A 132 2.27 11.95 5.29
CA SER A 132 2.96 12.94 4.47
C SER A 132 2.64 14.33 5.01
N PHE A 133 3.24 15.35 4.40
CA PHE A 133 2.89 16.72 4.77
C PHE A 133 1.45 17.04 4.40
N ASN A 134 0.89 16.32 3.43
CA ASN A 134 -0.47 16.59 2.98
C ASN A 134 -1.53 15.99 3.90
N THR A 135 -1.21 14.90 4.62
CA THR A 135 -2.20 14.21 5.43
C THR A 135 -1.98 14.37 6.93
N SER A 136 -0.90 15.01 7.37
CA SER A 136 -0.57 15.03 8.79
C SER A 136 -1.60 15.80 9.60
N ALA A 137 -1.91 17.04 9.18
CA ALA A 137 -2.77 17.91 9.97
C ALA A 137 -4.15 17.31 10.15
N SER A 138 -4.75 16.81 9.07
CA SER A 138 -6.07 16.19 9.17
C SER A 138 -6.03 14.94 10.04
N THR A 139 -4.96 14.14 9.93
CA THR A 139 -4.83 12.95 10.75
C THR A 139 -4.75 13.31 12.23
N LYS A 140 -3.93 14.32 12.56
CA LYS A 140 -3.81 14.78 13.94
C LYS A 140 -5.16 15.26 14.48
N SER A 141 -5.85 16.11 13.70
CA SER A 141 -7.13 16.64 14.14
C SER A 141 -8.17 15.55 14.34
N PHE A 142 -8.17 14.55 13.45
CA PHE A 142 -9.11 13.43 13.58
C PHE A 142 -8.89 12.67 14.88
N LEU A 143 -7.62 12.49 15.28
CA LEU A 143 -7.34 11.72 16.49
C LEU A 143 -7.68 12.53 17.74
N LYS A 144 -7.49 13.85 17.68
CA LYS A 144 -7.85 14.72 18.80
C LYS A 144 -9.31 14.56 19.18
N ALA A 145 -10.19 14.50 18.17
CA ALA A 145 -11.63 14.46 18.41
C ALA A 145 -12.10 13.08 18.82
N ARG A 146 -11.50 12.02 18.28
CA ARG A 146 -12.07 10.69 18.41
C ARG A 146 -11.23 9.68 19.19
N TYR A 147 -9.92 9.82 19.24
CA TYR A 147 -9.07 8.86 19.95
C TYR A 147 -7.99 9.61 20.70
N PRO A 148 -8.33 10.17 21.87
CA PRO A 148 -7.36 11.00 22.61
C PRO A 148 -6.15 10.23 23.11
N TRP A 149 -6.25 8.91 23.32
CA TRP A 149 -5.09 8.15 23.78
C TRP A 149 -4.03 8.07 22.70
N LEU A 150 -4.42 8.16 21.43
CA LEU A 150 -3.44 8.24 20.34
C LEU A 150 -2.98 9.67 20.14
N TYR A 151 -3.86 10.65 20.34
CA TYR A 151 -3.50 12.05 20.11
C TYR A 151 -2.45 12.53 21.12
N GLN A 152 -2.56 12.08 22.37
CA GLN A 152 -1.63 12.53 23.41
C GLN A 152 -0.20 12.13 23.08
N VAL A 153 0.00 10.98 22.43
CA VAL A 153 1.33 10.48 22.10
C VAL A 153 1.60 10.57 20.60
N PHE A 154 0.92 11.48 19.91
CA PHE A 154 0.95 11.50 18.44
C PHE A 154 2.35 11.77 17.92
N ASP A 155 2.93 12.92 18.29
CA ASP A 155 4.25 13.27 17.78
C ASP A 155 5.32 12.33 18.31
N SER A 156 5.22 11.92 19.58
CA SER A 156 6.29 11.18 20.21
C SER A 156 6.31 9.71 19.81
N GLU A 157 5.16 9.13 19.53
CA GLU A 157 5.11 7.68 19.33
C GLU A 157 4.41 7.26 18.03
N VAL A 158 3.34 7.94 17.64
CA VAL A 158 2.49 7.44 16.57
C VAL A 158 3.00 7.87 15.20
N GLU A 159 3.18 9.17 14.98
CA GLU A 159 3.39 9.67 13.62
C GLU A 159 4.81 9.42 13.13
N LEU A 160 4.92 8.93 11.90
CA LEU A 160 6.18 8.77 11.18
C LEU A 160 6.06 9.59 9.89
N MET A 161 6.95 10.54 9.70
CA MET A 161 6.83 11.50 8.61
C MET A 161 7.61 11.00 7.40
N GLN A 162 6.92 10.90 6.26
CA GLN A 162 7.59 10.66 4.99
C GLN A 162 8.34 11.92 4.56
N ASN A 163 9.63 11.79 4.27
CA ASN A 163 10.40 12.92 3.81
C ASN A 163 10.23 13.10 2.30
N GLN A 164 10.79 14.18 1.77
CA GLN A 164 10.68 14.51 0.35
C GLN A 164 12.07 14.64 -0.26
N VAL A 165 12.15 14.34 -1.55
CA VAL A 165 13.43 14.34 -2.26
C VAL A 165 13.33 15.21 -3.51
N PRO A 166 14.43 15.82 -3.95
CA PRO A 166 14.37 16.71 -5.13
C PRO A 166 14.34 15.93 -6.43
N LYS A 167 13.61 16.47 -7.39
CA LYS A 167 13.65 15.97 -8.76
C LYS A 167 14.92 16.46 -9.45
N ILE A 168 15.48 15.62 -10.32
CA ILE A 168 16.73 15.93 -10.99
C ILE A 168 16.52 15.85 -12.50
N LEU A 169 17.24 16.71 -13.22
CA LEU A 169 17.13 16.77 -14.67
C LEU A 169 17.82 15.56 -15.30
N GLN A 170 17.30 15.12 -16.44
CA GLN A 170 17.81 13.90 -17.06
C GLN A 170 19.16 14.12 -17.75
N ASP A 171 19.53 15.36 -18.06
CA ASP A 171 20.79 15.61 -18.74
C ASP A 171 21.94 15.84 -17.76
N THR A 172 21.71 16.64 -16.72
CA THR A 172 22.77 17.00 -15.79
C THR A 172 22.67 16.30 -14.44
N LEU A 173 21.49 15.79 -14.07
CA LEU A 173 21.21 15.24 -12.75
C LEU A 173 21.33 16.28 -11.64
N GLU A 174 21.20 17.55 -12.00
CA GLU A 174 21.17 18.64 -11.04
C GLU A 174 19.76 18.80 -10.46
N PRO A 175 19.64 19.42 -9.28
CA PRO A 175 18.30 19.70 -8.75
C PRO A 175 17.54 20.64 -9.67
N ALA A 176 16.39 20.19 -10.15
CA ALA A 176 15.58 21.02 -11.02
C ALA A 176 15.05 22.22 -10.23
N ALA A 177 15.07 23.39 -10.87
CA ALA A 177 14.53 24.60 -10.30
C ALA A 177 13.26 25.00 -11.05
N TRP A 178 12.33 25.59 -10.32
CA TRP A 178 11.06 26.04 -10.90
C TRP A 178 10.71 27.39 -10.30
N ALA A 179 10.68 28.42 -11.15
CA ALA A 179 10.47 29.78 -10.65
C ALA A 179 9.05 29.99 -10.17
N GLU A 180 8.06 29.44 -10.89
CA GLU A 180 6.67 29.59 -10.51
C GLU A 180 6.42 29.03 -9.11
N ASN A 181 6.80 27.78 -8.89
CA ASN A 181 6.43 27.07 -7.68
C ASN A 181 7.64 26.33 -7.11
N PRO A 182 8.15 26.73 -5.93
CA PRO A 182 9.28 26.00 -5.37
C PRO A 182 8.84 24.70 -4.70
N ALA A 183 7.57 24.34 -4.91
CA ALA A 183 7.03 23.09 -4.41
C ALA A 183 7.03 21.98 -5.45
N TYR A 184 6.84 22.31 -6.72
CA TYR A 184 6.95 21.33 -7.80
C TYR A 184 8.37 20.85 -8.02
N GLU A 185 9.35 21.32 -7.25
CA GLU A 185 10.72 20.85 -7.34
C GLU A 185 11.07 19.84 -6.24
N TRP A 186 10.06 19.31 -5.55
CA TRP A 186 10.23 18.23 -4.60
C TRP A 186 9.19 17.16 -4.88
N ALA A 187 9.42 15.96 -4.35
CA ALA A 187 8.56 14.82 -4.62
C ALA A 187 8.76 13.79 -3.53
N PRO A 188 7.79 12.90 -3.31
CA PRO A 188 7.96 11.83 -2.32
C PRO A 188 8.75 10.67 -2.90
N PRO A 189 9.45 9.91 -2.07
CA PRO A 189 10.36 8.88 -2.59
C PRO A 189 9.79 7.47 -2.58
N GLY A 190 8.46 7.33 -2.61
CA GLY A 190 7.83 6.02 -2.57
C GLY A 190 7.74 5.49 -1.15
N HIS A 191 6.97 4.40 -1.00
CA HIS A 191 6.79 3.85 0.34
C HIS A 191 7.99 3.03 0.81
N GLY A 192 8.99 2.81 -0.04
CA GLY A 192 10.24 2.27 0.45
C GLY A 192 10.92 3.17 1.47
N ASP A 193 10.47 4.42 1.57
CA ASP A 193 11.01 5.41 2.49
C ASP A 193 10.69 5.11 3.95
N ILE A 194 9.85 4.11 4.23
CA ILE A 194 9.54 3.80 5.62
C ILE A 194 10.81 3.39 6.38
N TYR A 195 11.71 2.67 5.70
CA TYR A 195 12.94 2.23 6.35
C TYR A 195 13.85 3.42 6.64
N THR A 196 13.97 4.34 5.68
CA THR A 196 14.77 5.54 5.90
C THR A 196 14.17 6.40 7.00
N ALA A 197 12.85 6.55 7.01
CA ALA A 197 12.21 7.38 8.03
C ALA A 197 12.29 6.73 9.41
N LEU A 198 12.12 5.41 9.48
CA LEU A 198 12.24 4.71 10.76
C LEU A 198 13.64 4.88 11.33
N TYR A 199 14.67 4.67 10.51
CA TYR A 199 16.04 4.76 10.99
C TYR A 199 16.45 6.19 11.26
N GLY A 200 16.13 7.10 10.34
CA GLY A 200 16.60 8.47 10.44
C GLY A 200 16.02 9.23 11.61
N SER A 201 14.78 8.93 11.97
CA SER A 201 14.14 9.59 13.11
C SER A 201 14.58 9.00 14.45
N GLY A 202 15.34 7.91 14.43
CA GLY A 202 15.69 7.21 15.65
C GLY A 202 14.61 6.31 16.21
N LYS A 203 13.44 6.26 15.57
CA LYS A 203 12.34 5.46 16.12
C LYS A 203 12.61 3.97 16.01
N LEU A 204 13.30 3.53 14.95
CA LEU A 204 13.65 2.11 14.84
C LEU A 204 14.54 1.69 16.00
N GLN A 205 15.53 2.51 16.33
CA GLN A 205 16.39 2.21 17.49
C GLN A 205 15.59 2.24 18.78
N GLU A 206 14.68 3.20 18.92
CA GLU A 206 13.84 3.26 20.11
C GLU A 206 13.00 2.00 20.26
N LEU A 207 12.49 1.46 19.14
CA LEU A 207 11.58 0.32 19.21
C LEU A 207 12.31 -0.95 19.62
N VAL A 208 13.43 -1.26 18.97
CA VAL A 208 14.22 -2.42 19.36
C VAL A 208 14.69 -2.29 20.80
N GLU A 209 15.05 -1.07 21.20
CA GLU A 209 15.51 -0.83 22.57
C GLU A 209 14.41 -1.16 23.58
N GLN A 210 13.17 -0.78 23.28
CA GLN A 210 12.05 -1.03 24.19
C GLN A 210 11.55 -2.47 24.15
N GLY A 211 12.09 -3.31 23.28
CA GLY A 211 11.77 -4.72 23.25
C GLY A 211 10.86 -5.17 22.14
N TYR A 212 10.58 -4.33 21.14
CA TYR A 212 9.70 -4.71 20.04
C TYR A 212 10.48 -5.52 19.01
N ARG A 213 9.89 -6.63 18.58
CA ARG A 213 10.54 -7.57 17.67
C ARG A 213 9.94 -7.58 16.28
N TYR A 214 8.62 -7.46 16.16
CA TYR A 214 7.92 -7.61 14.89
C TYR A 214 7.18 -6.34 14.54
N MET A 215 7.13 -6.03 13.23
CA MET A 215 6.35 -4.92 12.72
C MET A 215 5.50 -5.41 11.57
N PHE A 216 4.19 -5.14 11.65
CA PHE A 216 3.26 -5.45 10.57
C PHE A 216 2.93 -4.16 9.84
N VAL A 217 3.32 -4.08 8.57
CA VAL A 217 3.11 -2.90 7.73
C VAL A 217 2.08 -3.24 6.66
N SER A 218 1.23 -2.26 6.34
CA SER A 218 0.20 -2.47 5.34
C SER A 218 -0.37 -1.12 4.91
N ASN A 219 -1.05 -1.12 3.78
CA ASN A 219 -1.70 0.09 3.28
C ASN A 219 -2.83 0.50 4.21
N GLY A 220 -2.97 1.81 4.42
CA GLY A 220 -4.03 2.30 5.27
C GLY A 220 -5.42 2.10 4.70
N ASP A 221 -5.53 2.01 3.37
CA ASP A 221 -6.81 1.83 2.70
C ASP A 221 -7.15 0.37 2.46
N ASN A 222 -6.43 -0.57 3.07
CA ASN A 222 -6.67 -2.00 2.93
C ASN A 222 -7.27 -2.51 4.24
N LEU A 223 -8.58 -2.74 4.23
CA LEU A 223 -9.27 -3.19 5.44
C LEU A 223 -9.01 -4.66 5.74
N GLY A 224 -8.61 -5.45 4.76
CA GLY A 224 -8.30 -6.84 5.01
C GLY A 224 -7.00 -7.06 5.75
N ALA A 225 -6.16 -6.03 5.85
CA ALA A 225 -4.85 -6.15 6.49
C ALA A 225 -5.02 -6.00 7.99
N THR A 226 -5.28 -7.12 8.65
CA THR A 226 -5.42 -7.17 10.10
C THR A 226 -4.40 -8.16 10.67
N ILE A 227 -4.10 -7.98 11.95
CA ILE A 227 -3.18 -8.87 12.65
C ILE A 227 -3.73 -10.29 12.59
N ASP A 228 -2.88 -11.23 12.17
CA ASP A 228 -3.22 -12.65 12.17
C ASP A 228 -2.16 -13.37 12.98
N LYS A 229 -2.56 -13.92 14.12
CA LYS A 229 -1.63 -14.59 15.02
C LYS A 229 -0.96 -15.79 14.39
N ARG A 230 -1.58 -16.39 13.37
CA ARG A 230 -0.97 -17.53 12.71
C ARG A 230 0.27 -17.15 11.92
N VAL A 231 0.34 -15.91 11.42
CA VAL A 231 1.52 -15.46 10.69
C VAL A 231 2.69 -15.24 11.64
N LEU A 232 2.41 -14.70 12.83
CA LEU A 232 3.48 -14.46 13.80
C LEU A 232 4.07 -15.77 14.32
N ALA A 233 3.23 -16.79 14.50
CA ALA A 233 3.74 -18.09 14.93
C ALA A 233 4.57 -18.74 13.83
N TYR A 234 4.16 -18.57 12.57
CA TYR A 234 4.89 -19.12 11.45
C TYR A 234 6.25 -18.44 11.28
N MET A 235 6.36 -17.18 11.69
CA MET A 235 7.65 -16.50 11.60
C MET A 235 8.57 -16.88 12.75
N GLU A 236 8.02 -17.05 13.95
CA GLU A 236 8.80 -17.55 15.08
C GLU A 236 9.39 -18.92 14.76
N LYS A 237 8.53 -19.87 14.40
CA LYS A 237 8.96 -21.26 14.21
C LYS A 237 9.96 -21.37 13.06
N GLU A 238 9.68 -20.71 11.93
CA GLU A 238 10.54 -20.81 10.76
C GLU A 238 11.73 -19.86 10.79
N LYS A 239 11.85 -19.04 11.84
CA LYS A 239 12.95 -18.07 11.98
C LYS A 239 13.07 -17.20 10.72
N ILE A 240 11.98 -16.52 10.39
CA ILE A 240 11.88 -15.67 9.21
C ILE A 240 12.05 -14.22 9.64
N ASP A 241 12.82 -13.46 8.87
CA ASP A 241 13.11 -12.07 9.17
C ASP A 241 12.24 -11.08 8.37
N PHE A 242 11.85 -11.45 7.16
CA PHE A 242 11.02 -10.60 6.31
C PHE A 242 10.00 -11.49 5.60
N LEU A 243 8.71 -11.19 5.76
CA LEU A 243 7.65 -12.00 5.19
C LEU A 243 6.68 -11.12 4.42
N MET A 244 6.44 -11.47 3.16
CA MET A 244 5.54 -10.73 2.30
C MET A 244 4.32 -11.59 1.96
N GLU A 245 3.13 -11.04 2.17
CA GLU A 245 1.90 -11.72 1.79
C GLU A 245 1.63 -11.47 0.31
N VAL A 246 1.39 -12.55 -0.45
CA VAL A 246 1.07 -12.44 -1.86
C VAL A 246 -0.27 -13.10 -2.12
N CYS A 247 -0.87 -12.74 -3.26
CA CYS A 247 -2.12 -13.31 -3.70
C CYS A 247 -1.99 -13.85 -5.12
N ARG A 248 -2.84 -14.81 -5.46
CA ARG A 248 -2.87 -15.34 -6.81
C ARG A 248 -3.32 -14.25 -7.77
N ARG A 249 -2.58 -14.08 -8.87
CA ARG A 249 -2.89 -13.04 -9.85
C ARG A 249 -4.04 -13.46 -10.75
N THR A 250 -4.93 -12.52 -11.03
CA THR A 250 -6.00 -12.69 -12.00
C THR A 250 -5.76 -11.74 -13.18
N GLU A 251 -6.55 -11.94 -14.25
CA GLU A 251 -6.44 -11.05 -15.40
C GLU A 251 -6.80 -9.61 -15.05
N SER A 252 -7.50 -9.39 -13.94
CA SER A 252 -7.70 -8.04 -13.45
C SER A 252 -6.42 -7.44 -12.89
N ASP A 253 -5.41 -8.27 -12.62
CA ASP A 253 -4.16 -7.84 -12.03
C ASP A 253 -2.97 -7.97 -12.97
N LYS A 254 -3.21 -8.15 -14.27
CA LYS A 254 -2.12 -8.41 -15.20
C LYS A 254 -1.21 -7.20 -15.37
N LYS A 255 -1.76 -6.00 -15.21
CA LYS A 255 -0.96 -4.78 -15.36
C LYS A 255 -0.26 -4.36 -14.08
N GLY A 256 -0.57 -5.00 -12.95
CA GLY A 256 0.14 -4.72 -11.72
C GLY A 256 1.36 -5.61 -11.53
N GLY A 257 2.14 -5.29 -10.50
CA GLY A 257 3.41 -5.96 -10.26
C GLY A 257 3.29 -7.44 -9.95
N HIS A 258 4.43 -8.10 -9.79
CA HIS A 258 4.42 -9.54 -9.49
C HIS A 258 5.70 -9.92 -8.78
N LEU A 259 5.68 -11.10 -8.16
CA LEU A 259 6.85 -11.68 -7.53
C LEU A 259 7.69 -12.41 -8.56
N ALA A 260 8.99 -12.50 -8.28
CA ALA A 260 9.94 -13.16 -9.18
C ALA A 260 11.07 -13.78 -8.36
N ARG A 261 11.96 -14.50 -9.05
CA ARG A 261 12.98 -15.30 -8.41
C ARG A 261 14.34 -15.10 -9.10
N GLN A 262 15.37 -15.02 -8.27
CA GLN A 262 16.76 -15.07 -8.71
C GLN A 262 17.50 -16.06 -7.83
N THR A 263 18.67 -16.48 -8.30
CA THR A 263 19.48 -17.45 -7.61
C THR A 263 20.90 -16.94 -7.46
N VAL A 264 21.55 -17.32 -6.39
CA VAL A 264 22.94 -16.93 -6.17
C VAL A 264 23.74 -18.19 -5.87
N TYR A 265 24.64 -18.55 -6.75
CA TYR A 265 25.53 -19.67 -6.51
C TYR A 265 26.78 -19.16 -5.82
N VAL A 266 27.01 -19.57 -4.58
CA VAL A 266 28.28 -19.28 -3.92
C VAL A 266 29.18 -20.48 -4.16
N LYS A 267 30.35 -20.24 -4.76
CA LYS A 267 31.25 -21.33 -5.06
C LYS A 267 31.89 -21.83 -3.79
N GLY A 268 31.99 -23.15 -3.67
CA GLY A 268 32.64 -23.73 -2.52
C GLY A 268 34.15 -23.58 -2.61
N LYS A 269 34.75 -23.02 -1.58
CA LYS A 269 36.19 -22.84 -1.58
C LYS A 269 36.87 -24.19 -1.50
N ASP A 270 37.98 -24.34 -2.21
CA ASP A 270 38.65 -25.63 -2.42
C ASP A 270 37.65 -26.77 -2.57
N GLY A 271 37.90 -27.86 -1.87
CA GLY A 271 37.03 -29.03 -1.91
C GLY A 271 35.81 -28.80 -1.05
N GLN A 272 34.71 -28.38 -1.68
CA GLN A 272 33.48 -28.06 -0.97
C GLN A 272 32.29 -28.27 -1.90
N PRO A 273 31.09 -28.38 -1.34
CA PRO A 273 29.87 -28.36 -2.16
C PRO A 273 29.46 -26.92 -2.44
N ASP A 274 29.03 -26.69 -3.68
CA ASP A 274 28.66 -25.37 -4.14
C ASP A 274 27.23 -25.04 -3.71
N ALA A 275 27.12 -24.04 -2.84
CA ALA A 275 25.88 -23.73 -2.16
C ALA A 275 24.90 -23.00 -3.08
N GLU A 276 23.64 -22.95 -2.66
CA GLU A 276 22.58 -22.32 -3.41
C GLU A 276 21.70 -21.52 -2.45
N LYS A 277 21.24 -20.37 -2.92
CA LYS A 277 20.31 -19.54 -2.17
C LYS A 277 19.38 -18.88 -3.16
N ARG A 278 18.07 -19.05 -2.99
CA ARG A 278 17.11 -18.33 -3.81
C ARG A 278 16.82 -16.99 -3.17
N VAL A 279 16.62 -15.98 -4.02
CA VAL A 279 16.33 -14.62 -3.58
C VAL A 279 15.08 -14.13 -4.30
N LEU A 280 14.10 -13.67 -3.54
CA LEU A 280 12.86 -13.16 -4.09
C LEU A 280 12.97 -11.67 -4.36
N LEU A 281 12.27 -11.21 -5.38
CA LEU A 281 12.29 -9.80 -5.74
C LEU A 281 10.94 -9.41 -6.33
N LEU A 282 10.75 -8.10 -6.47
CA LEU A 282 9.54 -7.50 -6.99
C LEU A 282 9.82 -6.87 -8.35
N ARG A 283 8.89 -7.03 -9.29
CA ARG A 283 8.98 -6.35 -10.58
C ARG A 283 7.66 -5.66 -10.86
N GLU A 284 7.67 -4.33 -10.85
CA GLU A 284 6.50 -3.54 -11.23
C GLU A 284 6.59 -3.16 -12.70
N SER A 285 5.48 -2.63 -13.23
CA SER A 285 5.40 -2.33 -14.66
C SER A 285 6.45 -1.31 -15.07
N ALA A 286 6.73 -0.33 -14.19
CA ALA A 286 7.73 0.69 -14.51
C ALA A 286 9.12 0.08 -14.72
N GLN A 287 9.41 -1.03 -14.04
CA GLN A 287 10.70 -1.70 -14.17
C GLN A 287 10.75 -2.66 -15.35
N CYS A 288 9.66 -2.81 -16.10
CA CYS A 288 9.62 -3.83 -17.15
C CYS A 288 9.80 -3.20 -18.51
N PRO A 289 10.73 -3.68 -19.33
CA PRO A 289 10.95 -3.07 -20.65
C PRO A 289 9.77 -3.32 -21.57
N LYS A 290 9.55 -2.35 -22.47
CA LYS A 290 8.49 -2.36 -23.45
C LYS A 290 8.41 -3.68 -24.21
N ALA A 291 9.56 -4.34 -24.39
CA ALA A 291 9.57 -5.58 -25.15
C ALA A 291 8.95 -6.74 -24.38
N ASP A 292 9.09 -6.73 -23.04
CA ASP A 292 8.67 -7.86 -22.22
C ASP A 292 7.34 -7.63 -21.51
N MET A 293 6.57 -6.62 -21.92
CA MET A 293 5.29 -6.37 -21.26
C MET A 293 4.31 -7.53 -21.46
N GLU A 294 4.48 -8.29 -22.54
CA GLU A 294 3.59 -9.44 -22.78
C GLU A 294 3.82 -10.53 -21.74
N SER A 295 5.08 -10.89 -21.51
CA SER A 295 5.38 -11.88 -20.48
C SER A 295 5.05 -11.37 -19.09
N PHE A 296 5.05 -10.04 -18.91
CA PHE A 296 4.67 -9.45 -17.63
C PHE A 296 3.21 -9.74 -17.31
N GLN A 297 2.34 -9.72 -18.31
CA GLN A 297 0.90 -9.86 -18.11
C GLN A 297 0.42 -11.31 -18.21
N ASP A 298 1.33 -12.27 -18.28
CA ASP A 298 0.98 -13.69 -18.28
C ASP A 298 0.87 -14.16 -16.84
N ILE A 299 -0.36 -14.38 -16.38
CA ILE A 299 -0.61 -14.64 -14.97
C ILE A 299 -0.43 -16.12 -14.64
N ASN A 300 0.00 -16.90 -15.62
CA ASN A 300 0.38 -18.28 -15.38
C ASN A 300 1.89 -18.47 -15.28
N LYS A 301 2.66 -17.61 -15.94
CA LYS A 301 4.10 -17.59 -15.73
C LYS A 301 4.45 -16.93 -14.40
N TYR A 302 4.01 -15.69 -14.21
CA TYR A 302 4.15 -14.97 -12.95
C TYR A 302 2.76 -14.86 -12.33
N SER A 303 2.53 -15.64 -11.26
CA SER A 303 1.19 -15.87 -10.76
C SER A 303 0.93 -15.27 -9.38
N PHE A 304 1.87 -14.52 -8.81
CA PHE A 304 1.72 -13.94 -7.49
C PHE A 304 2.02 -12.45 -7.53
N PHE A 305 1.24 -11.67 -6.77
CA PHE A 305 1.46 -10.23 -6.67
C PHE A 305 1.51 -9.81 -5.21
N ASN A 306 2.22 -8.71 -4.97
CA ASN A 306 2.46 -8.22 -3.62
C ASN A 306 1.25 -7.47 -3.08
N THR A 307 0.80 -7.85 -1.89
CA THR A 307 -0.32 -7.19 -1.24
C THR A 307 0.09 -5.95 -0.46
N ASN A 308 1.38 -5.73 -0.27
CA ASN A 308 1.93 -4.72 0.65
C ASN A 308 1.58 -5.00 2.11
N ASN A 309 1.18 -6.23 2.43
CA ASN A 309 1.12 -6.71 3.81
C ASN A 309 2.47 -7.35 4.12
N LEU A 310 3.29 -6.66 4.89
CA LEU A 310 4.66 -7.08 5.16
C LEU A 310 4.88 -7.25 6.65
N TRP A 311 5.63 -8.29 7.02
CA TRP A 311 6.01 -8.56 8.40
C TRP A 311 7.53 -8.54 8.50
N ILE A 312 8.04 -7.77 9.45
CA ILE A 312 9.47 -7.48 9.54
C ILE A 312 9.95 -7.74 10.96
N ARG A 313 11.06 -8.47 11.09
CA ARG A 313 11.75 -8.61 12.38
C ARG A 313 12.60 -7.37 12.59
N LEU A 314 12.21 -6.54 13.56
CA LEU A 314 12.81 -5.21 13.70
C LEU A 314 14.30 -5.26 14.05
N PRO A 315 14.77 -6.05 15.02
CA PRO A 315 16.22 -6.08 15.29
C PRO A 315 17.06 -6.43 14.07
N VAL A 316 16.55 -7.30 13.20
CA VAL A 316 17.30 -7.66 12.00
C VAL A 316 17.29 -6.51 11.00
N LEU A 317 16.20 -5.74 10.94
CA LEU A 317 16.16 -4.57 10.08
C LEU A 317 17.20 -3.53 10.52
N LEU A 318 17.26 -3.27 11.83
CA LEU A 318 18.24 -2.33 12.35
C LEU A 318 19.67 -2.77 12.02
N GLU A 319 19.97 -4.04 12.28
CA GLU A 319 21.31 -4.57 12.04
C GLU A 319 21.69 -4.45 10.56
N THR A 320 20.77 -4.82 9.68
CA THR A 320 21.06 -4.76 8.24
C THR A 320 21.29 -3.32 7.80
N MET A 321 20.49 -2.37 8.30
CA MET A 321 20.67 -0.98 7.91
C MET A 321 21.98 -0.42 8.48
N GLN A 322 22.33 -0.79 9.71
CA GLN A 322 23.60 -0.35 10.27
C GLN A 322 24.78 -0.88 9.47
N GLU A 323 24.70 -2.14 9.04
CA GLU A 323 25.77 -2.73 8.25
C GLU A 323 25.94 -2.05 6.89
N HIS A 324 24.95 -1.27 6.46
CA HIS A 324 25.06 -0.50 5.23
C HIS A 324 25.30 0.98 5.49
N GLY A 325 25.75 1.33 6.69
CA GLY A 325 26.01 2.73 7.00
C GLY A 325 24.76 3.54 7.26
N GLY A 326 23.72 2.93 7.83
CA GLY A 326 22.52 3.67 8.14
C GLY A 326 21.57 3.86 6.99
N THR A 327 21.48 2.88 6.09
CA THR A 327 20.56 2.95 4.97
C THR A 327 20.17 1.54 4.56
N LEU A 328 19.13 1.46 3.75
CA LEU A 328 18.73 0.20 3.13
C LEU A 328 18.79 0.39 1.62
N PRO A 329 19.74 -0.24 0.92
CA PRO A 329 19.94 0.00 -0.52
C PRO A 329 18.96 -0.74 -1.42
N LEU A 330 17.76 -0.19 -1.53
CA LEU A 330 16.73 -0.79 -2.37
C LEU A 330 16.98 -0.49 -3.84
N PRO A 331 16.53 -1.36 -4.74
CA PRO A 331 16.58 -1.03 -6.16
C PRO A 331 15.84 0.27 -6.45
N VAL A 332 16.46 1.13 -7.23
CA VAL A 332 15.93 2.46 -7.53
C VAL A 332 14.99 2.37 -8.73
N ILE A 333 13.83 3.01 -8.60
CA ILE A 333 12.89 3.15 -9.70
C ILE A 333 13.04 4.56 -10.26
N ARG A 334 13.33 4.67 -11.55
CA ARG A 334 13.73 5.93 -12.18
C ARG A 334 12.58 6.41 -13.06
N ASN A 335 11.73 7.26 -12.50
CA ASN A 335 10.59 7.80 -13.24
C ASN A 335 11.04 8.89 -14.21
N GLU A 336 10.46 8.87 -15.41
CA GLU A 336 10.75 9.84 -16.46
C GLU A 336 9.51 10.73 -16.60
N LYS A 337 9.50 11.85 -15.87
CA LYS A 337 8.39 12.79 -15.91
C LYS A 337 8.90 14.20 -16.15
N THR A 338 8.04 15.20 -15.94
CA THR A 338 8.39 16.60 -16.14
C THR A 338 8.23 17.36 -14.83
N VAL A 339 9.00 18.45 -14.69
CA VAL A 339 8.98 19.24 -13.44
C VAL A 339 7.55 19.60 -13.07
N ASP A 340 6.81 20.20 -14.00
CA ASP A 340 5.38 20.37 -13.86
C ASP A 340 4.70 19.17 -14.52
N SER A 341 4.01 18.37 -13.71
CA SER A 341 3.49 17.09 -14.18
C SER A 341 2.50 17.29 -15.34
N SER A 342 1.63 18.30 -15.23
CA SER A 342 0.63 18.51 -16.27
C SER A 342 1.27 19.00 -17.56
N ASN A 343 2.26 19.87 -17.46
CA ASN A 343 2.79 20.62 -18.60
C ASN A 343 3.99 19.90 -19.17
N SER A 344 3.88 19.46 -20.42
CA SER A 344 4.95 18.73 -21.10
C SER A 344 5.93 19.64 -21.81
N ALA A 345 5.91 20.94 -21.51
CA ALA A 345 6.96 21.83 -21.99
C ALA A 345 8.07 22.02 -20.96
N SER A 346 7.81 21.66 -19.71
CA SER A 346 8.78 21.81 -18.64
C SER A 346 9.92 20.80 -18.81
N PRO A 347 11.09 21.09 -18.22
CA PRO A 347 12.25 20.21 -18.41
C PRO A 347 11.98 18.79 -17.94
N LYS A 348 12.58 17.83 -18.65
CA LYS A 348 12.47 16.43 -18.27
C LYS A 348 13.25 16.16 -17.00
N VAL A 349 12.66 15.41 -16.08
CA VAL A 349 13.28 15.11 -14.81
C VAL A 349 13.28 13.60 -14.58
N TYR A 350 13.98 13.21 -13.52
CA TYR A 350 13.91 11.86 -12.95
C TYR A 350 13.36 11.97 -11.55
N GLN A 351 12.35 11.17 -11.25
CA GLN A 351 11.80 11.07 -9.90
C GLN A 351 12.20 9.72 -9.35
N LEU A 352 13.15 9.72 -8.41
CA LEU A 352 13.71 8.50 -7.87
C LEU A 352 12.89 8.05 -6.66
N GLU A 353 12.41 6.81 -6.71
CA GLU A 353 11.62 6.25 -5.62
C GLU A 353 11.93 4.77 -5.48
N THR A 354 11.53 4.22 -4.34
CA THR A 354 11.69 2.80 -4.04
C THR A 354 10.37 2.25 -3.50
N ALA A 355 10.27 0.92 -3.50
CA ALA A 355 9.09 0.23 -3.03
C ALA A 355 9.44 -0.56 -1.78
N MET A 356 8.62 -0.43 -0.74
CA MET A 356 8.92 -1.11 0.52
C MET A 356 8.90 -2.62 0.40
N GLY A 357 8.18 -3.15 -0.60
CA GLY A 357 8.18 -4.59 -0.83
C GLY A 357 9.46 -5.11 -1.45
N ALA A 358 10.25 -4.24 -2.08
CA ALA A 358 11.53 -4.66 -2.65
C ALA A 358 12.55 -5.05 -1.59
N ALA A 359 12.29 -4.77 -0.31
CA ALA A 359 13.19 -5.15 0.76
C ALA A 359 13.27 -6.66 0.95
N ILE A 360 12.38 -7.43 0.30
CA ILE A 360 12.43 -8.88 0.39
C ILE A 360 13.74 -9.44 -0.16
N ALA A 361 14.44 -8.66 -1.00
CA ALA A 361 15.72 -9.09 -1.53
C ALA A 361 16.89 -8.80 -0.60
N MET A 362 16.67 -8.00 0.44
CA MET A 362 17.75 -7.52 1.29
C MET A 362 18.00 -8.41 2.52
N PHE A 363 17.33 -9.56 2.62
CA PHE A 363 17.45 -10.41 3.79
C PHE A 363 17.67 -11.85 3.39
N GLU A 364 18.55 -12.53 4.13
CA GLU A 364 18.80 -13.95 3.89
C GLU A 364 17.57 -14.79 4.22
N SER A 365 16.95 -14.53 5.36
CA SER A 365 15.75 -15.27 5.78
C SER A 365 14.48 -14.49 5.42
N ALA A 366 14.30 -14.30 4.12
CA ALA A 366 13.12 -13.64 3.58
C ALA A 366 12.25 -14.67 2.86
N SER A 367 10.94 -14.52 2.97
CA SER A 367 10.04 -15.48 2.37
C SER A 367 8.73 -14.78 2.01
N ALA A 368 7.89 -15.49 1.25
CA ALA A 368 6.58 -15.02 0.86
C ALA A 368 5.56 -16.12 1.11
N ILE A 369 4.37 -15.73 1.57
CA ILE A 369 3.28 -16.66 1.87
C ILE A 369 2.05 -16.21 1.10
N VAL A 370 1.41 -17.13 0.41
CA VAL A 370 0.20 -16.79 -0.36
C VAL A 370 -0.99 -16.78 0.58
N VAL A 371 -1.78 -15.72 0.50
CA VAL A 371 -2.92 -15.50 1.40
C VAL A 371 -4.17 -15.37 0.54
N PRO A 372 -5.34 -15.57 1.13
CA PRO A 372 -6.58 -15.39 0.36
C PRO A 372 -6.83 -13.92 0.05
N ARG A 373 -7.60 -13.69 -1.02
CA ARG A 373 -7.82 -12.34 -1.52
C ARG A 373 -8.46 -11.42 -0.48
N SER A 374 -9.12 -11.98 0.54
CA SER A 374 -9.73 -11.15 1.57
C SER A 374 -8.71 -10.34 2.34
N ARG A 375 -7.44 -10.76 2.35
CA ARG A 375 -6.39 -9.97 2.97
C ARG A 375 -6.02 -8.73 2.15
N PHE A 376 -6.49 -8.64 0.89
CA PHE A 376 -6.21 -7.52 0.01
C PHE A 376 -7.54 -6.98 -0.50
N ALA A 377 -8.13 -6.07 0.27
CA ALA A 377 -9.42 -5.46 -0.07
C ALA A 377 -9.25 -3.95 -0.17
N PRO A 378 -8.51 -3.48 -1.16
CA PRO A 378 -8.30 -2.03 -1.28
C PRO A 378 -9.55 -1.33 -1.81
N VAL A 379 -9.72 -0.10 -1.38
CA VAL A 379 -10.78 0.77 -1.88
C VAL A 379 -10.11 1.76 -2.78
N LYS A 380 -10.15 1.53 -4.08
CA LYS A 380 -9.52 2.46 -5.01
C LYS A 380 -10.49 3.08 -6.00
N THR A 381 -11.71 2.58 -6.08
CA THR A 381 -12.76 3.19 -6.87
C THR A 381 -14.00 3.37 -6.02
N CYS A 382 -14.89 4.25 -6.47
CA CYS A 382 -16.16 4.43 -5.79
C CYS A 382 -17.02 3.17 -5.87
N ALA A 383 -16.78 2.32 -6.87
CA ALA A 383 -17.47 1.03 -6.95
C ALA A 383 -17.08 0.15 -5.77
N ASP A 384 -15.80 0.11 -5.42
CA ASP A 384 -15.37 -0.61 -4.23
C ASP A 384 -16.03 -0.05 -2.98
N LEU A 385 -16.14 1.27 -2.90
CA LEU A 385 -16.76 1.90 -1.74
C LEU A 385 -18.19 1.43 -1.55
N LEU A 386 -18.97 1.40 -2.63
CA LEU A 386 -20.38 1.02 -2.54
C LEU A 386 -20.54 -0.39 -1.97
N ALA A 387 -19.75 -1.35 -2.49
CA ALA A 387 -19.80 -2.70 -1.95
C ALA A 387 -19.49 -2.71 -0.47
N LEU A 388 -18.49 -1.93 -0.05
CA LEU A 388 -18.09 -1.93 1.35
C LEU A 388 -19.13 -1.24 2.23
N ARG A 389 -19.77 -0.19 1.72
CA ARG A 389 -20.79 0.50 2.51
C ARG A 389 -22.00 -0.40 2.75
N SER A 390 -22.31 -1.29 1.81
CA SER A 390 -23.54 -2.06 1.86
C SER A 390 -23.49 -3.12 2.96
N ASP A 391 -24.64 -3.76 3.17
CA ASP A 391 -24.75 -4.85 4.13
C ASP A 391 -24.04 -6.12 3.68
N ALA A 392 -23.41 -6.10 2.50
CA ALA A 392 -22.58 -7.23 2.09
C ALA A 392 -21.42 -7.43 3.05
N TYR A 393 -20.97 -6.37 3.71
CA TYR A 393 -19.91 -6.42 4.70
C TYR A 393 -20.47 -6.18 6.09
N VAL A 394 -19.93 -6.90 7.07
CA VAL A 394 -20.39 -6.89 8.44
C VAL A 394 -19.17 -6.73 9.34
N VAL A 395 -19.35 -6.02 10.45
CA VAL A 395 -18.26 -5.80 11.41
C VAL A 395 -18.34 -6.88 12.48
N THR A 396 -17.18 -7.35 12.92
CA THR A 396 -17.10 -8.38 13.94
C THR A 396 -16.98 -7.74 15.31
N ASP A 397 -16.85 -8.58 16.35
CA ASP A 397 -16.65 -8.07 17.70
C ASP A 397 -15.27 -7.46 17.87
N ASP A 398 -14.25 -8.00 17.18
CA ASP A 398 -12.93 -7.40 17.16
C ASP A 398 -12.77 -6.38 16.04
N PHE A 399 -13.89 -5.87 15.51
CA PHE A 399 -13.94 -4.69 14.65
C PHE A 399 -13.24 -4.92 13.31
N ARG A 400 -13.32 -6.13 12.76
CA ARG A 400 -12.88 -6.42 11.41
C ARG A 400 -14.07 -6.36 10.46
N LEU A 401 -13.78 -6.16 9.18
CA LEU A 401 -14.81 -6.16 8.15
C LEU A 401 -14.73 -7.46 7.35
N VAL A 402 -15.79 -8.26 7.40
CA VAL A 402 -15.84 -9.52 6.70
C VAL A 402 -17.16 -9.62 5.94
N LEU A 403 -17.17 -10.48 4.93
CA LEU A 403 -18.38 -10.72 4.17
C LEU A 403 -19.44 -11.39 5.05
N ASP A 404 -20.69 -11.06 4.79
CA ASP A 404 -21.79 -11.84 5.35
C ASP A 404 -21.79 -13.23 4.71
N ASP A 405 -22.17 -14.23 5.49
CA ASP A 405 -22.22 -15.60 4.96
C ASP A 405 -23.20 -15.73 3.81
N ARG A 406 -24.17 -14.83 3.69
CA ARG A 406 -25.14 -14.93 2.60
C ARG A 406 -24.54 -14.49 1.27
N CYS A 407 -23.52 -13.63 1.29
CA CYS A 407 -22.57 -13.61 0.20
C CYS A 407 -21.77 -14.90 0.26
N HIS A 408 -21.79 -15.67 -0.81
CA HIS A 408 -21.20 -17.00 -0.79
C HIS A 408 -19.70 -16.92 -1.08
N GLY A 409 -19.00 -16.25 -0.15
CA GLY A 409 -17.57 -16.08 -0.23
C GLY A 409 -17.10 -15.03 -1.21
N HIS A 410 -18.01 -14.31 -1.87
CA HIS A 410 -17.63 -13.37 -2.92
C HIS A 410 -18.37 -12.05 -2.74
N PRO A 411 -17.67 -10.92 -2.77
CA PRO A 411 -18.35 -9.63 -2.70
C PRO A 411 -19.21 -9.43 -3.93
N PRO A 412 -20.28 -8.65 -3.81
CA PRO A 412 -21.03 -8.26 -5.02
C PRO A 412 -20.13 -7.49 -5.97
N VAL A 413 -20.31 -7.72 -7.26
CA VAL A 413 -19.52 -7.05 -8.28
C VAL A 413 -20.25 -5.78 -8.69
N VAL A 414 -19.55 -4.64 -8.59
CA VAL A 414 -20.15 -3.33 -8.79
C VAL A 414 -19.42 -2.65 -9.95
N ASP A 415 -20.14 -2.42 -11.04
CA ASP A 415 -19.63 -1.68 -12.19
C ASP A 415 -20.43 -0.39 -12.30
N LEU A 416 -19.81 0.73 -11.96
CA LEU A 416 -20.45 2.03 -12.01
C LEU A 416 -19.96 2.80 -13.22
N ASP A 417 -20.87 3.56 -13.84
CA ASP A 417 -20.53 4.35 -15.01
C ASP A 417 -19.39 5.31 -14.68
N SER A 418 -18.31 5.24 -15.46
CA SER A 418 -17.16 6.11 -15.24
C SER A 418 -17.45 7.57 -15.53
N ALA A 419 -18.47 7.86 -16.33
CA ALA A 419 -18.77 9.24 -16.65
C ALA A 419 -19.39 9.99 -15.49
N HIS A 420 -19.97 9.29 -14.52
CA HIS A 420 -20.73 9.94 -13.46
C HIS A 420 -20.32 9.56 -12.06
N TYR A 421 -19.59 8.48 -11.87
CA TYR A 421 -19.34 7.98 -10.52
C TYR A 421 -17.86 7.73 -10.23
N LYS A 422 -16.96 8.13 -11.12
CA LYS A 422 -15.54 8.03 -10.80
C LYS A 422 -15.17 9.01 -9.70
N MET A 423 -15.83 10.17 -9.67
CA MET A 423 -15.59 11.18 -8.65
C MET A 423 -16.56 10.99 -7.49
N MET A 424 -16.10 11.37 -6.29
CA MET A 424 -16.87 11.14 -5.08
C MET A 424 -18.16 11.95 -5.07
N ASN A 425 -18.13 13.18 -5.60
CA ASN A 425 -19.33 14.00 -5.63
C ASN A 425 -20.41 13.37 -6.48
N GLY A 426 -20.02 12.70 -7.57
CA GLY A 426 -20.99 11.96 -8.36
C GLY A 426 -21.51 10.73 -7.66
N PHE A 427 -20.63 10.03 -6.93
CA PHE A 427 -21.04 8.81 -6.25
C PHE A 427 -22.00 9.09 -5.10
N GLU A 428 -21.74 10.16 -4.34
CA GLU A 428 -22.60 10.47 -3.21
C GLU A 428 -23.97 10.98 -3.63
N LYS A 429 -24.10 11.46 -4.88
CA LYS A 429 -25.43 11.77 -5.40
C LYS A 429 -26.21 10.49 -5.67
N LEU A 430 -25.51 9.43 -6.08
CA LEU A 430 -26.17 8.16 -6.39
C LEU A 430 -26.78 7.54 -5.14
N VAL A 431 -26.09 7.64 -4.00
CA VAL A 431 -26.55 7.03 -2.76
C VAL A 431 -27.04 8.09 -1.78
N GLN A 432 -27.48 9.24 -2.30
CA GLN A 432 -27.90 10.35 -1.44
C GLN A 432 -29.02 9.94 -0.49
N HIS A 433 -30.02 9.23 -1.01
CA HIS A 433 -31.17 8.83 -0.22
C HIS A 433 -30.96 7.52 0.52
N GLY A 434 -29.80 6.91 0.37
CA GLY A 434 -29.49 5.65 1.04
C GLY A 434 -28.73 4.72 0.12
N VAL A 435 -27.94 3.85 0.72
CA VAL A 435 -27.19 2.82 0.00
C VAL A 435 -28.01 1.53 0.03
N PRO A 436 -28.21 0.87 -1.10
CA PRO A 436 -29.12 -0.27 -1.14
C PRO A 436 -28.53 -1.49 -0.46
N SER A 437 -29.40 -2.47 -0.23
CA SER A 437 -28.97 -3.78 0.25
C SER A 437 -28.36 -4.56 -0.89
N LEU A 438 -27.11 -4.95 -0.75
CA LEU A 438 -26.40 -5.70 -1.77
C LEU A 438 -25.98 -7.07 -1.28
N VAL A 439 -26.43 -7.47 -0.09
CA VAL A 439 -25.94 -8.70 0.53
C VAL A 439 -26.32 -9.92 -0.31
N GLU A 440 -27.52 -9.95 -0.87
CA GLU A 440 -27.96 -11.05 -1.70
C GLU A 440 -27.73 -10.80 -3.18
N CYS A 441 -26.85 -9.85 -3.51
CA CYS A 441 -26.66 -9.41 -4.89
C CYS A 441 -25.38 -9.98 -5.45
N LYS A 442 -25.49 -10.71 -6.55
CA LYS A 442 -24.31 -11.23 -7.25
C LYS A 442 -23.59 -10.13 -8.02
N ARG A 443 -24.34 -9.33 -8.77
CA ARG A 443 -23.76 -8.28 -9.58
C ARG A 443 -24.74 -7.12 -9.69
N VAL A 444 -24.19 -5.91 -9.74
CA VAL A 444 -24.98 -4.71 -10.01
C VAL A 444 -24.15 -3.78 -10.89
N THR A 445 -24.74 -3.30 -11.98
CA THR A 445 -24.08 -2.37 -12.88
C THR A 445 -25.01 -1.19 -13.16
N VAL A 446 -24.43 0.01 -13.14
CA VAL A 446 -25.19 1.24 -13.28
C VAL A 446 -24.61 2.03 -14.45
N LYS A 447 -25.48 2.39 -15.40
CA LYS A 447 -25.11 3.22 -16.54
C LYS A 447 -26.01 4.44 -16.57
N GLY A 448 -25.41 5.60 -16.82
CA GLY A 448 -26.15 6.84 -16.85
C GLY A 448 -26.42 7.37 -15.45
N LEU A 449 -27.18 8.46 -15.41
CA LEU A 449 -27.49 9.15 -14.16
C LEU A 449 -28.59 8.40 -13.42
N VAL A 450 -28.30 7.97 -12.19
CA VAL A 450 -29.26 7.21 -11.38
C VAL A 450 -29.16 7.70 -9.94
N GLN A 451 -30.30 7.63 -9.24
CA GLN A 451 -30.36 7.83 -7.79
C GLN A 451 -31.14 6.67 -7.19
N PHE A 452 -30.52 5.98 -6.23
CA PHE A 452 -31.26 4.99 -5.47
C PHE A 452 -32.23 5.69 -4.50
N GLY A 453 -33.24 4.95 -4.08
CA GLY A 453 -34.12 5.39 -3.01
C GLY A 453 -33.77 4.73 -1.69
N ALA A 454 -34.42 5.19 -0.64
CA ALA A 454 -34.23 4.59 0.68
C ALA A 454 -34.80 3.18 0.70
N GLY A 455 -34.21 2.34 1.55
CA GLY A 455 -34.71 0.99 1.75
C GLY A 455 -34.73 0.12 0.52
N ASN A 456 -33.84 0.38 -0.45
CA ASN A 456 -33.78 -0.44 -1.65
C ASN A 456 -33.09 -1.77 -1.36
N VAL A 457 -33.56 -2.82 -2.02
CA VAL A 457 -33.03 -4.17 -1.87
C VAL A 457 -32.78 -4.74 -3.26
N LEU A 458 -31.58 -5.22 -3.50
CA LEU A 458 -31.19 -5.77 -4.79
C LEU A 458 -30.78 -7.22 -4.64
N THR A 459 -31.16 -8.04 -5.61
CA THR A 459 -30.91 -9.47 -5.58
C THR A 459 -30.48 -9.96 -6.94
N GLY A 460 -29.59 -10.95 -6.94
CA GLY A 460 -29.17 -11.55 -8.20
C GLY A 460 -28.27 -10.63 -8.99
N THR A 461 -28.55 -10.51 -10.29
CA THR A 461 -27.79 -9.67 -11.19
C THR A 461 -28.70 -8.55 -11.69
N VAL A 462 -28.39 -7.31 -11.30
CA VAL A 462 -29.22 -6.16 -11.63
C VAL A 462 -28.44 -5.22 -12.54
N THR A 463 -29.15 -4.60 -13.47
CA THR A 463 -28.61 -3.53 -14.31
C THR A 463 -29.60 -2.38 -14.33
N ILE A 464 -29.13 -1.18 -13.99
CA ILE A 464 -29.93 0.05 -14.05
C ILE A 464 -29.22 0.97 -15.01
N GLU A 465 -29.83 1.24 -16.17
CA GLU A 465 -29.22 2.09 -17.17
C GLU A 465 -30.18 3.19 -17.60
N ASN A 466 -29.62 4.37 -17.82
CA ASN A 466 -30.34 5.52 -18.35
C ASN A 466 -29.60 5.99 -19.59
N THR A 467 -30.29 6.02 -20.73
CA THR A 467 -29.62 6.40 -21.96
C THR A 467 -29.59 7.91 -22.16
N ASP A 468 -30.42 8.64 -21.43
CA ASP A 468 -30.57 10.08 -21.59
C ASP A 468 -29.65 10.77 -20.60
N SER A 469 -28.56 11.35 -21.10
CA SER A 469 -27.59 12.01 -20.23
C SER A 469 -28.04 13.37 -19.73
N ALA A 470 -29.10 13.95 -20.29
CA ALA A 470 -29.69 15.17 -19.77
C ALA A 470 -30.80 14.90 -18.79
N SER A 471 -30.81 13.73 -18.18
CA SER A 471 -31.86 13.36 -17.25
C SER A 471 -31.30 12.54 -16.10
N ALA A 472 -32.12 12.39 -15.07
CA ALA A 472 -31.79 11.59 -13.90
C ALA A 472 -32.89 10.56 -13.68
N PHE A 473 -32.50 9.35 -13.31
CA PHE A 473 -33.42 8.25 -13.06
C PHE A 473 -33.49 8.01 -11.56
N VAL A 474 -34.65 8.23 -10.97
CA VAL A 474 -34.85 8.10 -9.52
C VAL A 474 -35.63 6.83 -9.25
N ILE A 475 -35.12 6.01 -8.35
CA ILE A 475 -35.76 4.76 -7.93
C ILE A 475 -36.49 5.04 -6.61
N PRO A 476 -37.74 4.62 -6.47
CA PRO A 476 -38.51 5.01 -5.28
C PRO A 476 -38.05 4.26 -4.04
N ASP A 477 -38.55 4.73 -2.89
CA ASP A 477 -38.23 4.08 -1.63
C ASP A 477 -38.90 2.71 -1.56
N GLY A 478 -38.14 1.73 -1.09
CA GLY A 478 -38.65 0.38 -0.91
C GLY A 478 -38.58 -0.51 -2.13
N ALA A 479 -38.02 -0.03 -3.23
CA ALA A 479 -38.04 -0.78 -4.47
C ALA A 479 -37.23 -2.07 -4.36
N LYS A 480 -37.84 -3.17 -4.75
CA LYS A 480 -37.21 -4.48 -4.82
C LYS A 480 -36.82 -4.75 -6.27
N LEU A 481 -35.57 -5.15 -6.49
CA LEU A 481 -35.04 -5.37 -7.83
C LEU A 481 -34.39 -6.74 -7.87
N ASN A 482 -34.98 -7.65 -8.64
CA ASN A 482 -34.57 -9.06 -8.67
C ASN A 482 -34.31 -9.46 -10.12
N ASP A 483 -33.03 -9.72 -10.44
CA ASP A 483 -32.60 -10.21 -11.74
C ASP A 483 -33.33 -9.53 -12.89
N THR A 484 -33.01 -8.26 -13.14
CA THR A 484 -33.79 -7.46 -14.06
C THR A 484 -32.94 -6.32 -14.60
N THR A 485 -33.52 -5.57 -15.52
CA THR A 485 -32.94 -4.33 -16.03
C THR A 485 -33.96 -3.23 -15.83
N ALA A 486 -33.65 -2.27 -14.96
CA ALA A 486 -34.55 -1.17 -14.68
C ALA A 486 -34.20 0.00 -15.59
N SER A 487 -35.19 0.50 -16.33
CA SER A 487 -34.94 1.50 -17.35
C SER A 487 -36.13 2.44 -17.40
N PRO A 488 -35.91 3.70 -17.79
CA PRO A 488 -37.02 4.65 -17.98
C PRO A 488 -37.77 4.44 -19.29
C10 9ET B . -9.25 -15.12 -5.09
C13 9ET B . -10.48 -15.30 -3.08
C15 9ET B . -11.34 -14.31 -3.57
C17 9ET B . -11.76 -12.66 -5.65
C20 9ET B . -12.41 -10.88 -7.62
C22 9ET B . -11.30 -11.66 -7.83
C01 9ET B . -7.71 -16.90 -8.34
C02 9ET B . -7.34 -18.01 -7.37
C05 9ET B . -6.86 -17.96 -4.98
C06 9ET B . -7.14 -16.70 -4.15
C07 9ET B . -5.99 -16.36 -3.25
C08 9ET B . -6.99 -15.61 -5.16
C09 9ET B . -8.15 -15.42 -5.94
C11 9ET B . -9.39 -15.70 -3.88
C14 9ET B . -10.72 -15.91 -1.72
C16 9ET B . -11.12 -13.71 -4.85
C18 9ET B . -12.91 -11.84 -5.46
C19 9ET B . -13.21 -10.95 -6.47
C23 9ET B . -10.98 -12.57 -6.82
C25 9ET B . -10.09 -14.10 -5.59
N24 9ET B . -9.96 -13.43 -6.77
O03 9ET B . -6.69 -18.86 -7.80
O04 9ET B . -7.77 -18.08 -6.05
O12 9ET B . -8.44 -16.74 -3.41
O21 9ET B . -12.73 -9.99 -8.62
#